data_5J4X
#
_entry.id   5J4X
#
_cell.length_a   58.629
_cell.length_b   82.181
_cell.length_c   63.060
_cell.angle_alpha   90.00
_cell.angle_beta   107.42
_cell.angle_gamma   90.00
#
_symmetry.space_group_name_H-M   'P 1 21 1'
#
loop_
_entity.id
_entity.type
_entity.pdbx_description
1 polymer 'Agglutinin alpha chain'
2 polymer 'Agglutinin beta-3 chain'
3 branched 'beta-D-galactopyranose-(1-3)-methyl beta-D-galactopyranoside'
4 non-polymer 1,2-ETHANEDIOL
5 non-polymer 'ISOPROPYL ALCOHOL'
6 water water
#
loop_
_entity_poly.entity_id
_entity_poly.type
_entity_poly.pdbx_seq_one_letter_code
_entity_poly.pdbx_strand_id
1 'polypeptide(L)'
;GKAFDDGAFTGIREINLSYNKETAIGDFQVVYDLNGSPYVGQNHKSFITGFTPVKISLDFPSEYIMEVSGYTGNVSGYVV
VRSLTFKTNKKTYGPYGVTSGTPFNLPIENGLIVGFKGSIGYWLDYFSMYLSL
;
A,C,E,G
2 'polypeptide(L)' EQSGISQTVIVGPWGAKVS B,D,F,H
#
loop_
_chem_comp.id
_chem_comp.type
_chem_comp.name
_chem_comp.formula
EDO non-polymer 1,2-ETHANEDIOL 'C2 H6 O2'
GAL D-saccharide, beta linking beta-D-galactopyranose 'C6 H12 O6'
IPA non-polymer 'ISOPROPYL ALCOHOL' 'C3 H8 O'
MBG D-saccharide 'methyl beta-D-galactopyranoside' 'C7 H14 O6'
#
# COMPACT_ATOMS: atom_id res chain seq x y z
N GLY A 1 29.89 -1.26 -12.43
CA GLY A 1 29.23 -2.56 -12.03
C GLY A 1 28.16 -2.96 -13.02
N LYS A 2 27.67 -4.20 -12.92
CA LYS A 2 26.49 -4.60 -13.70
C LYS A 2 25.18 -4.49 -12.89
N ALA A 3 24.18 -3.74 -13.38
CA ALA A 3 22.96 -3.41 -12.62
C ALA A 3 22.13 -4.67 -12.53
N PHE A 4 21.39 -4.85 -11.44
CA PHE A 4 20.37 -5.90 -11.29
C PHE A 4 19.18 -5.36 -10.58
N ASP A 5 17.99 -5.90 -10.83
CA ASP A 5 16.76 -5.43 -10.14
C ASP A 5 15.77 -6.60 -10.11
N ASP A 6 15.72 -7.29 -8.99
CA ASP A 6 14.91 -8.48 -8.88
C ASP A 6 13.44 -8.10 -8.94
N GLY A 7 13.09 -6.86 -8.55
CA GLY A 7 11.65 -6.49 -8.40
C GLY A 7 11.14 -6.91 -7.04
N ALA A 8 9.82 -6.91 -6.88
CA ALA A 8 9.17 -7.09 -5.57
C ALA A 8 8.45 -8.45 -5.52
N PHE A 9 8.38 -9.04 -4.32
CA PHE A 9 7.89 -10.42 -4.10
C PHE A 9 6.98 -10.44 -2.87
N THR A 10 6.59 -11.60 -2.36
CA THR A 10 5.70 -11.65 -1.19
C THR A 10 6.52 -11.65 0.09
N GLY A 11 7.83 -11.90 -0.01
CA GLY A 11 8.61 -12.10 1.22
C GLY A 11 10.01 -12.60 0.90
N ILE A 12 10.77 -12.88 1.96
CA ILE A 12 12.14 -13.44 1.77
C ILE A 12 12.28 -14.77 2.49
N ARG A 13 12.75 -15.79 1.76
CA ARG A 13 13.08 -17.08 2.35
C ARG A 13 14.56 -17.30 2.66
N GLU A 14 15.46 -16.75 1.85
CA GLU A 14 16.89 -17.05 1.99
C GLU A 14 17.75 -16.04 1.24
N ILE A 15 18.92 -15.72 1.84
CA ILE A 15 19.91 -14.83 1.19
C ILE A 15 21.19 -15.61 1.04
N ASN A 16 21.72 -15.65 -0.19
CA ASN A 16 22.99 -16.27 -0.45
C ASN A 16 23.92 -15.23 -0.93
N LEU A 17 24.82 -14.86 -0.05
CA LEU A 17 25.77 -13.81 -0.42
C LEU A 17 27.21 -14.30 -0.22
N SER A 18 28.14 -13.57 -0.81
CA SER A 18 29.57 -13.86 -0.58
C SER A 18 30.29 -12.56 -0.14
N TYR A 19 31.41 -12.72 0.61
CA TYR A 19 32.17 -11.61 1.19
C TYR A 19 33.64 -11.98 1.27
N ASN A 20 34.49 -10.95 1.33
CA ASN A 20 35.90 -11.19 1.68
C ASN A 20 36.22 -10.40 2.99
N LYS A 21 36.79 -11.11 4.01
CA LYS A 21 37.14 -10.53 5.32
C LYS A 21 38.19 -9.43 5.25
N GLU A 22 38.67 -9.11 4.04
CA GLU A 22 39.60 -8.00 3.85
C GLU A 22 39.11 -6.93 2.92
N THR A 23 37.94 -7.11 2.31
CA THR A 23 37.54 -6.15 1.21
C THR A 23 36.06 -5.70 1.25
N ALA A 24 35.16 -6.47 0.63
CA ALA A 24 33.74 -6.12 0.62
C ALA A 24 32.85 -7.31 0.24
N ILE A 25 31.59 -6.98 -0.01
CA ILE A 25 30.57 -7.96 -0.44
C ILE A 25 30.73 -8.26 -1.93
N GLY A 26 30.57 -9.54 -2.32
CA GLY A 26 30.72 -9.95 -3.71
C GLY A 26 29.39 -10.35 -4.32
N ASP A 27 29.09 -11.64 -4.36
CA ASP A 27 27.90 -12.13 -4.98
C ASP A 27 26.69 -11.84 -4.10
N PHE A 28 25.53 -11.70 -4.72
CA PHE A 28 24.37 -11.55 -3.90
C PHE A 28 23.17 -12.26 -4.57
N GLN A 29 22.39 -13.04 -3.81
CA GLN A 29 21.31 -13.77 -4.46
C GLN A 29 20.24 -13.98 -3.42
N VAL A 30 18.98 -14.02 -3.83
CA VAL A 30 17.88 -14.12 -2.86
C VAL A 30 16.86 -15.16 -3.30
N VAL A 31 16.52 -16.05 -2.39
CA VAL A 31 15.34 -16.84 -2.67
C VAL A 31 14.16 -16.09 -1.99
N TYR A 32 13.27 -15.56 -2.83
CA TYR A 32 12.04 -14.89 -2.32
C TYR A 32 10.90 -15.85 -2.05
N ASP A 33 9.89 -15.37 -1.33
CA ASP A 33 8.61 -16.04 -1.48
C ASP A 33 7.78 -15.36 -2.55
N LEU A 34 7.10 -16.16 -3.38
CA LEU A 34 6.10 -15.61 -4.32
C LEU A 34 4.77 -16.33 -4.09
N ASN A 35 3.88 -15.65 -3.38
CA ASN A 35 2.57 -16.25 -3.03
C ASN A 35 2.67 -17.66 -2.49
N GLY A 36 3.69 -17.93 -1.65
CA GLY A 36 3.76 -19.21 -0.98
C GLY A 36 4.72 -20.22 -1.60
N SER A 37 5.30 -19.84 -2.73
CA SER A 37 6.30 -20.70 -3.44
C SER A 37 7.65 -20.04 -3.42
N PRO A 38 8.70 -20.82 -3.17
CA PRO A 38 10.07 -20.27 -3.25
C PRO A 38 10.33 -19.72 -4.66
N TYR A 39 10.88 -18.54 -4.78
CA TYR A 39 11.18 -17.96 -6.06
C TYR A 39 12.70 -17.81 -6.07
N VAL A 40 13.37 -18.60 -6.91
CA VAL A 40 14.84 -18.54 -6.95
C VAL A 40 15.23 -17.32 -7.76
N GLY A 41 15.69 -16.29 -7.08
CA GLY A 41 16.13 -15.12 -7.79
C GLY A 41 17.48 -15.42 -8.46
N GLN A 42 17.79 -14.61 -9.46
CA GLN A 42 19.04 -14.79 -10.23
C GLN A 42 20.26 -14.52 -9.34
N ASN A 43 21.27 -15.37 -9.49
CA ASN A 43 22.52 -15.17 -8.76
C ASN A 43 23.23 -13.94 -9.34
N HIS A 44 23.39 -12.86 -8.56
CA HIS A 44 24.14 -11.65 -9.02
C HIS A 44 25.56 -11.82 -8.60
N LYS A 45 26.46 -11.89 -9.60
CA LYS A 45 27.82 -12.39 -9.37
C LYS A 45 28.81 -11.28 -9.55
N SER A 46 29.74 -11.17 -8.59
CA SER A 46 31.01 -10.42 -8.75
C SER A 46 31.73 -10.81 -10.04
N PHE A 47 32.35 -9.85 -10.74
CA PHE A 47 33.31 -10.12 -11.81
C PHE A 47 34.60 -10.86 -11.34
N ILE A 48 34.85 -10.94 -10.02
CA ILE A 48 36.05 -11.61 -9.47
C ILE A 48 35.71 -12.83 -8.58
N THR A 49 36.66 -13.74 -8.35
CA THR A 49 36.46 -14.86 -7.40
C THR A 49 37.22 -14.62 -6.07
N GLY A 50 37.24 -15.58 -5.11
CA GLY A 50 37.92 -15.34 -3.78
C GLY A 50 37.01 -15.06 -2.57
N PHE A 51 35.72 -15.13 -2.78
CA PHE A 51 34.79 -14.76 -1.72
C PHE A 51 34.41 -15.96 -0.88
N THR A 52 33.90 -15.71 0.32
CA THR A 52 33.46 -16.78 1.18
C THR A 52 31.95 -16.68 1.10
N PRO A 53 31.30 -17.81 0.77
CA PRO A 53 29.87 -17.75 0.60
C PRO A 53 29.18 -17.86 1.96
N VAL A 54 27.98 -17.27 2.09
CA VAL A 54 27.13 -17.37 3.27
C VAL A 54 25.68 -17.62 2.86
N LYS A 55 25.05 -18.54 3.57
CA LYS A 55 23.65 -18.90 3.36
C LYS A 55 22.84 -18.56 4.57
N ILE A 56 22.00 -17.53 4.41
CA ILE A 56 21.14 -17.07 5.47
C ILE A 56 19.73 -17.60 5.18
N SER A 57 19.38 -18.68 5.85
CA SER A 57 18.16 -19.38 5.59
C SER A 57 17.17 -19.02 6.66
N LEU A 58 16.16 -18.19 6.30
CA LEU A 58 15.17 -17.74 7.30
C LEU A 58 14.04 -18.71 7.46
N ASP A 59 13.47 -18.72 8.66
CA ASP A 59 12.34 -19.58 9.02
C ASP A 59 11.06 -18.87 8.56
N PHE A 60 10.92 -18.72 7.24
CA PHE A 60 9.78 -17.96 6.64
C PHE A 60 8.52 -18.77 6.89
N PRO A 61 7.42 -18.14 7.22
CA PRO A 61 7.20 -16.71 7.37
C PRO A 61 7.32 -16.17 8.78
N SER A 62 7.52 -17.02 9.79
CA SER A 62 7.59 -16.51 11.18
C SER A 62 8.83 -15.65 11.41
N GLU A 63 9.91 -15.90 10.66
CA GLU A 63 11.15 -15.09 10.83
C GLU A 63 11.29 -14.11 9.63
N TYR A 64 11.58 -12.83 9.88
CA TYR A 64 11.65 -11.81 8.79
C TYR A 64 12.65 -10.72 9.26
N ILE A 65 13.27 -10.04 8.28
CA ILE A 65 14.34 -9.12 8.56
C ILE A 65 13.71 -7.84 9.15
N MET A 66 14.31 -7.32 10.22
CA MET A 66 13.85 -6.08 10.89
C MET A 66 14.85 -4.94 10.73
N GLU A 67 16.10 -5.23 10.40
CA GLU A 67 17.07 -4.20 10.17
C GLU A 67 18.17 -4.73 9.23
N VAL A 68 18.46 -3.94 8.21
CA VAL A 68 19.64 -4.12 7.41
C VAL A 68 20.64 -2.98 7.68
N SER A 69 21.90 -3.36 7.98
CA SER A 69 22.92 -2.34 8.25
C SER A 69 24.24 -2.74 7.65
N GLY A 70 25.18 -1.79 7.64
CA GLY A 70 26.46 -2.11 7.05
C GLY A 70 27.34 -0.91 6.90
N TYR A 71 28.36 -1.06 6.03
CA TYR A 71 29.30 0.02 5.82
C TYR A 71 29.60 0.18 4.34
N THR A 72 29.69 1.42 3.87
CA THR A 72 30.16 1.69 2.54
C THR A 72 31.56 2.29 2.70
N GLY A 73 32.40 2.14 1.68
CA GLY A 73 33.76 2.64 1.77
C GLY A 73 34.47 2.40 0.45
N ASN A 74 35.64 3.03 0.32
CA ASN A 74 36.56 2.82 -0.78
C ASN A 74 37.22 1.43 -0.73
N VAL A 75 37.20 0.74 -1.88
CA VAL A 75 38.08 -0.43 -2.09
C VAL A 75 38.63 -0.28 -3.48
N SER A 76 39.95 -0.35 -3.63
CA SER A 76 40.58 -0.06 -4.94
C SER A 76 40.07 1.28 -5.53
N GLY A 77 39.72 2.24 -4.69
CA GLY A 77 39.24 3.51 -5.23
C GLY A 77 37.76 3.63 -5.54
N TYR A 78 37.02 2.53 -5.45
CA TYR A 78 35.57 2.59 -5.61
C TYR A 78 34.86 2.52 -4.29
N VAL A 79 33.84 3.37 -4.16
CA VAL A 79 32.88 3.25 -3.06
C VAL A 79 32.09 1.97 -3.25
N VAL A 80 32.07 1.08 -2.25
CA VAL A 80 31.37 -0.20 -2.42
C VAL A 80 30.73 -0.52 -1.09
N VAL A 81 29.76 -1.41 -1.08
CA VAL A 81 29.23 -1.93 0.18
C VAL A 81 30.21 -2.90 0.81
N ARG A 82 30.93 -2.41 1.81
CA ARG A 82 31.97 -3.22 2.47
C ARG A 82 31.45 -4.30 3.43
N SER A 83 30.23 -4.13 3.93
CA SER A 83 29.70 -4.98 5.01
C SER A 83 28.18 -4.92 5.03
N LEU A 84 27.53 -6.03 5.41
CA LEU A 84 26.05 -6.06 5.53
C LEU A 84 25.81 -6.83 6.80
N THR A 85 24.75 -6.51 7.55
CA THR A 85 24.31 -7.30 8.71
C THR A 85 22.77 -7.36 8.59
N PHE A 86 22.19 -8.53 8.81
CA PHE A 86 20.76 -8.75 8.64
C PHE A 86 20.28 -9.14 10.02
N LYS A 87 19.42 -8.32 10.62
CA LYS A 87 18.92 -8.67 11.91
C LYS A 87 17.44 -9.02 11.74
N THR A 88 17.01 -10.16 12.27
CA THR A 88 15.61 -10.55 12.15
C THR A 88 15.01 -10.58 13.51
N ASN A 89 13.71 -10.85 13.55
CA ASN A 89 13.10 -10.97 14.85
C ASN A 89 13.64 -12.13 15.61
N LYS A 90 14.52 -12.96 15.02
CA LYS A 90 14.96 -14.16 15.73
C LYS A 90 16.46 -14.08 16.08
N LYS A 91 17.27 -13.59 15.15
CA LYS A 91 18.67 -13.55 15.42
C LYS A 91 19.39 -12.64 14.43
N THR A 92 20.70 -12.44 14.61
CA THR A 92 21.46 -11.47 13.82
C THR A 92 22.42 -12.26 12.96
N TYR A 93 22.44 -11.96 11.65
CA TYR A 93 23.31 -12.60 10.70
C TYR A 93 24.30 -11.59 10.22
N GLY A 94 25.59 -11.82 10.51
CA GLY A 94 26.65 -10.83 10.21
C GLY A 94 27.25 -10.21 11.47
N PRO A 95 28.15 -9.23 11.33
CA PRO A 95 28.51 -8.56 10.07
C PRO A 95 29.22 -9.50 9.11
N TYR A 96 29.00 -9.35 7.81
CA TYR A 96 29.77 -10.02 6.80
C TYR A 96 30.57 -8.96 6.03
N GLY A 97 31.90 -9.16 5.88
CA GLY A 97 32.71 -8.25 5.08
C GLY A 97 33.58 -7.44 6.03
N VAL A 98 33.85 -6.18 5.71
CA VAL A 98 34.75 -5.37 6.55
C VAL A 98 33.95 -4.24 7.21
N THR A 99 33.97 -4.14 8.53
CA THR A 99 33.16 -3.15 9.26
C THR A 99 33.88 -1.76 9.40
N SER A 100 34.13 -1.14 8.24
CA SER A 100 34.92 0.03 8.11
C SER A 100 34.36 0.97 7.08
N GLY A 101 34.36 2.26 7.40
CA GLY A 101 33.90 3.26 6.44
C GLY A 101 32.70 4.03 7.01
N THR A 102 31.76 4.36 6.14
CA THR A 102 30.59 5.15 6.51
C THR A 102 29.53 4.15 6.88
N PRO A 103 29.04 4.22 8.13
CA PRO A 103 27.99 3.23 8.42
C PRO A 103 26.59 3.62 7.87
N PHE A 104 25.72 2.64 7.61
CA PHE A 104 24.34 2.89 7.18
C PHE A 104 23.46 1.89 7.90
N ASN A 105 22.19 2.23 8.07
CA ASN A 105 21.28 1.25 8.62
C ASN A 105 19.84 1.65 8.24
N LEU A 106 19.05 0.63 7.91
CA LEU A 106 17.61 0.76 7.65
C LEU A 106 16.91 -0.19 8.66
N PRO A 107 16.52 0.36 9.82
CA PRO A 107 15.67 -0.42 10.71
C PRO A 107 14.24 -0.25 10.20
N ILE A 108 13.38 -1.23 10.48
CA ILE A 108 12.01 -1.24 9.96
C ILE A 108 11.11 -1.42 11.16
N GLU A 109 10.29 -0.43 11.52
CA GLU A 109 9.37 -0.65 12.63
C GLU A 109 8.13 -1.39 12.18
N ASN A 110 7.74 -1.16 10.92
CA ASN A 110 6.57 -1.87 10.45
C ASN A 110 6.66 -2.05 8.97
N GLY A 111 6.35 -3.26 8.47
CA GLY A 111 6.53 -3.47 7.01
C GLY A 111 7.62 -4.56 6.75
N LEU A 112 7.89 -4.83 5.48
CA LEU A 112 8.73 -5.96 5.06
C LEU A 112 9.64 -5.59 3.91
N ILE A 113 10.87 -5.99 3.94
CA ILE A 113 11.74 -5.97 2.69
C ILE A 113 11.19 -7.04 1.77
N VAL A 114 10.82 -6.66 0.56
CA VAL A 114 10.26 -7.67 -0.42
C VAL A 114 11.01 -7.76 -1.71
N GLY A 115 12.16 -7.08 -1.76
CA GLY A 115 12.97 -7.15 -3.00
C GLY A 115 14.28 -6.41 -2.93
N PHE A 116 15.25 -6.77 -3.79
CA PHE A 116 16.50 -6.02 -3.83
C PHE A 116 16.81 -5.61 -5.26
N LYS A 117 17.55 -4.51 -5.38
CA LYS A 117 18.09 -4.03 -6.65
C LYS A 117 19.40 -3.37 -6.28
N GLY A 118 20.20 -3.11 -7.34
CA GLY A 118 21.59 -2.73 -7.06
C GLY A 118 22.50 -2.85 -8.26
N SER A 119 23.77 -3.03 -7.95
CA SER A 119 24.83 -3.19 -8.93
C SER A 119 26.06 -3.80 -8.31
N ILE A 120 26.60 -4.81 -9.00
CA ILE A 120 27.80 -5.57 -8.60
C ILE A 120 28.81 -5.49 -9.77
N GLY A 121 30.03 -5.05 -9.46
CA GLY A 121 31.16 -5.19 -10.38
C GLY A 121 32.13 -6.15 -9.70
N TYR A 122 33.24 -5.62 -9.20
CA TYR A 122 34.16 -6.46 -8.44
C TYR A 122 33.53 -6.70 -7.06
N TRP A 123 32.84 -5.67 -6.52
CA TRP A 123 32.08 -5.73 -5.28
C TRP A 123 30.70 -5.17 -5.50
N LEU A 124 29.80 -5.48 -4.55
CA LEU A 124 28.51 -4.83 -4.51
C LEU A 124 28.70 -3.27 -4.41
N ASP A 125 28.35 -2.58 -5.50
CA ASP A 125 28.57 -1.14 -5.64
C ASP A 125 27.58 -0.37 -4.79
N TYR A 126 26.32 -0.77 -4.92
CA TYR A 126 25.24 -0.14 -4.20
C TYR A 126 24.03 -1.01 -4.25
N PHE A 127 23.07 -0.69 -3.37
CA PHE A 127 21.80 -1.40 -3.45
C PHE A 127 20.68 -0.60 -2.84
N SER A 128 19.50 -1.01 -3.23
CA SER A 128 18.22 -0.57 -2.66
C SER A 128 17.29 -1.71 -2.34
N MET A 129 16.28 -1.39 -1.54
CA MET A 129 15.36 -2.39 -1.06
C MET A 129 13.90 -1.94 -1.29
N TYR A 130 13.09 -2.84 -1.83
CA TYR A 130 11.65 -2.66 -1.97
C TYR A 130 11.04 -2.92 -0.63
N LEU A 131 10.14 -2.01 -0.18
CA LEU A 131 9.41 -2.22 1.06
C LEU A 131 7.97 -2.28 0.77
N SER A 132 7.30 -3.07 1.62
CA SER A 132 5.84 -3.26 1.50
C SER A 132 5.21 -3.69 2.84
N LEU A 133 3.90 -3.44 3.00
CA LEU A 133 3.15 -4.19 4.01
C LEU A 133 2.90 -5.53 3.38
N GLN B 2 -2.07 6.47 -15.01
CA GLN B 2 -1.25 5.37 -14.46
C GLN B 2 -0.97 4.39 -15.58
N SER B 3 -0.39 3.27 -15.22
CA SER B 3 -0.16 2.20 -16.16
C SER B 3 -0.66 0.92 -15.50
N GLY B 4 -0.57 -0.18 -16.21
CA GLY B 4 -0.89 -1.41 -15.53
C GLY B 4 0.19 -1.94 -14.65
N ILE B 5 1.27 -1.19 -14.39
CA ILE B 5 2.38 -1.73 -13.55
C ILE B 5 2.18 -1.28 -12.09
N SER B 6 2.10 -2.25 -11.17
CA SER B 6 1.90 -1.91 -9.80
C SER B 6 3.22 -1.40 -9.17
N GLN B 7 3.12 -0.60 -8.11
CA GLN B 7 4.29 0.21 -7.61
C GLN B 7 4.61 -0.26 -6.22
N THR B 8 5.80 0.03 -5.73
CA THR B 8 6.23 -0.42 -4.42
C THR B 8 7.22 0.67 -3.92
N VAL B 9 7.16 0.96 -2.61
CA VAL B 9 8.16 1.83 -1.98
C VAL B 9 9.54 1.25 -2.15
N ILE B 10 10.52 2.09 -2.46
CA ILE B 10 11.92 1.64 -2.56
C ILE B 10 12.78 2.66 -1.81
N VAL B 11 13.63 2.17 -0.88
CA VAL B 11 14.53 3.02 -0.10
C VAL B 11 15.95 2.63 -0.55
N GLY B 12 16.82 3.61 -0.53
CA GLY B 12 18.15 3.50 -1.06
C GLY B 12 18.37 4.49 -2.20
N PRO B 13 19.51 4.37 -2.88
CA PRO B 13 20.49 3.34 -2.65
C PRO B 13 21.52 3.71 -1.58
N TRP B 14 22.17 2.68 -1.01
CA TRP B 14 23.37 2.89 -0.22
C TRP B 14 24.52 2.34 -0.96
N GLY B 15 25.63 3.05 -0.83
CA GLY B 15 26.82 2.73 -1.62
C GLY B 15 27.33 3.77 -2.62
N ALA B 16 28.09 3.33 -3.64
CA ALA B 16 28.49 4.26 -4.69
C ALA B 16 27.29 5.10 -5.20
N LYS B 17 27.49 6.41 -5.24
CA LYS B 17 26.48 7.36 -5.71
C LYS B 17 26.61 7.61 -7.21
N GLY C 1 13.20 11.22 27.45
CA GLY C 1 12.40 12.16 26.58
C GLY C 1 10.92 11.82 26.47
N LYS C 2 10.14 12.70 25.90
CA LYS C 2 8.66 12.48 25.79
C LYS C 2 8.46 11.91 24.40
N ALA C 3 7.92 10.70 24.34
CA ALA C 3 7.61 10.14 23.03
C ALA C 3 6.52 10.95 22.27
N PHE C 4 6.60 10.94 20.93
CA PHE C 4 5.51 11.48 20.09
C PHE C 4 5.33 10.61 18.88
N ASP C 5 4.16 10.76 18.26
CA ASP C 5 3.80 9.97 17.06
C ASP C 5 2.74 10.75 16.34
N ASP C 6 3.11 11.38 15.24
CA ASP C 6 2.13 12.08 14.45
C ASP C 6 1.12 11.15 13.72
N GLY C 7 1.52 9.89 13.47
CA GLY C 7 0.76 9.01 12.52
C GLY C 7 1.02 9.47 11.08
N ALA C 8 0.18 9.03 10.20
CA ALA C 8 0.41 9.21 8.75
C ALA C 8 -0.63 10.16 8.11
N PHE C 9 -0.18 10.89 7.09
CA PHE C 9 -0.92 11.93 6.42
C PHE C 9 -0.71 11.73 4.89
N THR C 10 -1.02 12.75 4.09
CA THR C 10 -0.96 12.64 2.61
C THR C 10 0.30 13.15 2.02
N GLY C 11 1.09 13.85 2.84
CA GLY C 11 2.32 14.50 2.30
C GLY C 11 2.81 15.49 3.32
N ILE C 12 3.83 16.26 2.93
CA ILE C 12 4.40 17.18 3.90
C ILE C 12 4.45 18.53 3.24
N ARG C 13 4.00 19.56 3.94
CA ARG C 13 4.04 20.93 3.41
C ARG C 13 5.19 21.77 4.01
N GLU C 14 5.50 21.58 5.29
CA GLU C 14 6.49 22.43 5.93
C GLU C 14 7.10 21.66 7.03
N ILE C 15 8.42 21.81 7.21
CA ILE C 15 9.02 21.28 8.47
C ILE C 15 9.55 22.42 9.27
N ASN C 16 9.24 22.37 10.56
CA ASN C 16 9.68 23.44 11.50
C ASN C 16 10.56 22.73 12.56
N LEU C 17 11.78 23.17 12.71
CA LEU C 17 12.61 22.49 13.71
C LEU C 17 13.44 23.58 14.41
N SER C 18 14.12 23.22 15.49
CA SER C 18 15.07 24.15 16.07
C SER C 18 16.36 23.40 16.39
N TYR C 19 17.47 24.12 16.38
CA TYR C 19 18.71 23.49 16.74
C TYR C 19 19.60 24.48 17.48
N ASN C 20 20.68 23.96 18.04
CA ASN C 20 21.74 24.77 18.61
C ASN C 20 23.04 24.07 18.12
N LYS C 21 23.94 24.78 17.44
CA LYS C 21 25.18 24.12 16.97
C LYS C 21 26.09 23.54 18.09
N GLU C 22 26.16 24.23 19.24
CA GLU C 22 26.81 23.62 20.40
C GLU C 22 26.17 22.33 20.99
N THR C 23 24.91 22.03 20.71
CA THR C 23 24.31 20.87 21.29
C THR C 23 23.66 20.00 20.16
N ALA C 24 22.34 20.14 19.88
CA ALA C 24 21.66 19.16 18.99
C ALA C 24 20.28 19.75 18.56
N ILE C 25 19.52 18.97 17.81
CA ILE C 25 18.25 19.36 17.33
C ILE C 25 17.34 19.41 18.57
N GLY C 26 16.52 20.46 18.64
CA GLY C 26 15.66 20.73 19.79
C GLY C 26 14.20 20.46 19.50
N ASP C 27 13.46 21.39 18.92
CA ASP C 27 12.03 21.18 18.66
C ASP C 27 11.76 20.67 17.23
N PHE C 28 10.57 20.06 17.04
CA PHE C 28 10.21 19.50 15.78
C PHE C 28 8.70 19.64 15.56
N GLN C 29 8.27 20.19 14.43
CA GLN C 29 6.84 20.25 14.17
C GLN C 29 6.70 20.18 12.66
N VAL C 30 5.72 19.43 12.18
CA VAL C 30 5.49 19.33 10.73
C VAL C 30 4.09 19.90 10.40
N VAL C 31 3.99 20.62 9.29
CA VAL C 31 2.69 20.95 8.72
C VAL C 31 2.47 19.87 7.62
N TYR C 32 1.51 18.98 7.80
CA TYR C 32 1.35 17.85 6.83
C TYR C 32 0.40 18.30 5.74
N ASP C 33 0.37 17.63 4.58
CA ASP C 33 -0.80 17.68 3.76
C ASP C 33 -1.79 16.57 4.24
N LEU C 34 -3.07 16.91 4.35
CA LEU C 34 -4.16 15.97 4.56
C LEU C 34 -5.24 16.19 3.48
N ASN C 35 -5.24 15.26 2.52
CA ASN C 35 -6.18 15.30 1.40
C ASN C 35 -6.26 16.65 0.67
N GLY C 36 -5.08 17.25 0.45
CA GLY C 36 -4.94 18.48 -0.36
C GLY C 36 -5.12 19.76 0.48
N SER C 37 -5.28 19.60 1.79
CA SER C 37 -5.39 20.71 2.75
C SER C 37 -4.34 20.59 3.84
N PRO C 38 -3.86 21.74 4.35
CA PRO C 38 -2.81 21.72 5.36
C PRO C 38 -3.35 21.19 6.66
N TYR C 39 -2.56 20.34 7.32
CA TYR C 39 -2.87 19.86 8.69
C TYR C 39 -1.72 20.28 9.59
N VAL C 40 -2.00 21.14 10.59
CA VAL C 40 -0.87 21.62 11.46
C VAL C 40 -0.52 20.61 12.58
N GLY C 41 0.65 19.97 12.43
CA GLY C 41 1.02 18.94 13.41
C GLY C 41 1.28 19.50 14.77
N GLN C 42 1.26 18.61 15.74
CA GLN C 42 1.61 18.93 17.11
C GLN C 42 3.03 19.44 17.14
N ASN C 43 3.31 20.43 17.98
CA ASN C 43 4.67 20.95 18.10
C ASN C 43 5.39 20.14 19.15
N HIS C 44 6.43 19.41 18.77
CA HIS C 44 7.08 18.57 19.76
C HIS C 44 8.25 19.33 20.32
N LYS C 45 8.15 19.85 21.54
CA LYS C 45 9.14 20.80 22.12
C LYS C 45 10.15 20.16 23.13
N SER C 46 11.44 20.55 23.04
CA SER C 46 12.45 20.22 24.05
C SER C 46 12.01 20.58 25.44
N PHE C 47 12.61 19.95 26.45
CA PHE C 47 12.43 20.39 27.87
C PHE C 47 13.03 21.76 28.17
N ILE C 48 13.92 22.18 27.28
CA ILE C 48 14.64 23.41 27.51
C ILE C 48 14.44 24.31 26.28
N THR C 49 14.97 25.55 26.40
CA THR C 49 14.84 26.57 25.40
C THR C 49 16.19 27.28 25.14
N GLY C 50 16.23 28.08 24.09
CA GLY C 50 17.47 28.71 23.71
C GLY C 50 17.85 28.31 22.31
N PHE C 51 17.03 27.49 21.65
CA PHE C 51 17.32 27.01 20.31
C PHE C 51 17.04 28.07 19.19
N THR C 52 17.61 27.80 18.02
CA THR C 52 17.40 28.61 16.85
C THR C 52 16.35 27.90 16.00
N PRO C 53 15.18 28.55 15.81
CA PRO C 53 14.14 27.95 14.93
C PRO C 53 14.48 28.10 13.45
N VAL C 54 14.11 27.07 12.67
CA VAL C 54 14.14 27.10 11.21
C VAL C 54 12.81 26.63 10.62
N LYS C 55 12.38 27.29 9.55
CA LYS C 55 11.20 26.85 8.80
C LYS C 55 11.59 26.33 7.39
N ILE C 56 11.24 25.08 7.09
CA ILE C 56 11.52 24.54 5.76
C ILE C 56 10.11 24.53 5.09
N SER C 57 9.85 25.43 4.12
CA SER C 57 8.50 25.57 3.50
C SER C 57 8.59 25.01 2.11
N LEU C 58 8.07 23.81 1.96
CA LEU C 58 8.14 23.09 0.67
C LEU C 58 7.08 23.56 -0.31
N ASP C 59 7.44 23.59 -1.58
CA ASP C 59 6.47 23.94 -2.61
C ASP C 59 5.64 22.73 -2.95
N PHE C 60 4.78 22.36 -2.01
CA PHE C 60 3.89 21.21 -2.16
C PHE C 60 2.77 21.52 -3.18
N PRO C 61 2.36 20.55 -4.02
CA PRO C 61 2.83 19.14 -4.11
C PRO C 61 4.07 18.87 -5.00
N SER C 62 4.58 19.81 -5.78
CA SER C 62 5.65 19.44 -6.67
C SER C 62 7.02 19.18 -6.00
N GLU C 63 7.24 19.75 -4.84
CA GLU C 63 8.48 19.47 -4.09
C GLU C 63 8.23 18.49 -2.95
N TYR C 64 9.09 17.52 -2.83
CA TYR C 64 8.91 16.46 -1.80
C TYR C 64 10.32 16.02 -1.42
N ILE C 65 10.43 15.49 -0.20
CA ILE C 65 11.70 15.00 0.38
C ILE C 65 12.12 13.70 -0.30
N MET C 66 13.37 13.67 -0.75
CA MET C 66 14.05 12.50 -1.31
C MET C 66 15.07 11.84 -0.39
N GLU C 67 15.50 12.55 0.64
CA GLU C 67 16.51 12.01 1.53
C GLU C 67 16.52 12.75 2.84
N VAL C 68 16.52 12.00 3.95
CA VAL C 68 16.66 12.59 5.28
C VAL C 68 17.96 12.02 5.81
N SER C 69 18.88 12.90 6.19
CA SER C 69 20.15 12.41 6.78
C SER C 69 20.50 13.23 8.04
N GLY C 70 21.54 12.83 8.72
CA GLY C 70 21.82 13.43 10.04
C GLY C 70 23.08 12.85 10.67
N TYR C 71 23.40 13.35 11.88
CA TYR C 71 24.43 12.80 12.74
C TYR C 71 23.91 12.61 14.15
N THR C 72 24.37 11.56 14.80
CA THR C 72 24.01 11.31 16.18
C THR C 72 25.28 11.38 17.00
N GLY C 73 25.15 11.87 18.22
CA GLY C 73 26.34 12.01 19.03
C GLY C 73 25.95 12.27 20.49
N ASN C 74 26.95 12.26 21.37
CA ASN C 74 26.70 12.38 22.78
C ASN C 74 26.76 13.87 23.16
N VAL C 75 25.69 14.37 23.73
CA VAL C 75 25.63 15.76 24.30
C VAL C 75 25.30 15.65 25.77
N SER C 76 26.20 16.14 26.62
CA SER C 76 26.04 16.10 28.05
C SER C 76 25.51 14.80 28.58
N GLY C 77 26.00 13.69 28.03
CA GLY C 77 25.66 12.36 28.49
C GLY C 77 24.49 11.77 27.74
N TYR C 78 23.90 12.51 26.81
CA TYR C 78 22.68 12.06 26.08
C TYR C 78 23.04 11.78 24.61
N VAL C 79 22.69 10.60 24.08
CA VAL C 79 22.95 10.28 22.69
C VAL C 79 21.69 10.74 21.94
N VAL C 80 21.88 11.74 21.09
CA VAL C 80 20.77 12.45 20.50
C VAL C 80 21.11 12.76 19.03
N VAL C 81 20.08 13.12 18.27
CA VAL C 81 20.29 13.57 16.88
C VAL C 81 20.86 14.98 16.90
N ARG C 82 22.12 15.14 16.48
CA ARG C 82 22.76 16.40 16.64
C ARG C 82 22.60 17.29 15.39
N SER C 83 22.18 16.66 14.30
CA SER C 83 22.18 17.32 13.00
C SER C 83 21.12 16.70 12.08
N LEU C 84 20.42 17.55 11.29
CA LEU C 84 19.47 17.04 10.29
C LEU C 84 19.69 17.81 8.96
N THR C 85 19.52 17.06 7.88
CA THR C 85 19.55 17.63 6.56
C THR C 85 18.36 17.02 5.82
N PHE C 86 17.66 17.86 5.05
CA PHE C 86 16.49 17.36 4.29
C PHE C 86 16.77 17.70 2.86
N LYS C 87 16.87 16.69 1.97
CA LYS C 87 17.11 16.92 0.58
C LYS C 87 15.80 16.59 -0.18
N THR C 88 15.33 17.58 -0.95
CA THR C 88 14.15 17.43 -1.79
C THR C 88 14.57 17.35 -3.24
N ASN C 89 13.59 17.17 -4.13
CA ASN C 89 13.89 17.19 -5.57
C ASN C 89 14.30 18.56 -6.04
N LYS C 90 13.97 19.57 -5.26
CA LYS C 90 14.35 20.94 -5.56
C LYS C 90 15.64 21.40 -4.89
N LYS C 91 15.89 21.08 -3.63
CA LYS C 91 17.11 21.62 -3.01
C LYS C 91 17.48 20.96 -1.70
N THR C 92 18.62 21.33 -1.12
CA THR C 92 18.95 20.77 0.19
C THR C 92 18.75 21.81 1.27
N TYR C 93 18.12 21.40 2.36
CA TYR C 93 17.89 22.28 3.50
C TYR C 93 18.74 21.71 4.65
N GLY C 94 19.72 22.44 5.06
CA GLY C 94 20.64 21.95 6.11
C GLY C 94 22.06 21.81 5.60
N PRO C 95 22.97 21.31 6.44
CA PRO C 95 22.69 20.71 7.72
C PRO C 95 22.32 21.75 8.75
N TYR C 96 21.39 21.39 9.61
CA TYR C 96 21.11 22.12 10.81
C TYR C 96 21.70 21.41 11.98
N GLY C 97 22.69 22.04 12.60
CA GLY C 97 23.25 21.47 13.81
C GLY C 97 24.54 20.77 13.50
N VAL C 98 25.22 20.42 14.58
CA VAL C 98 26.60 19.98 14.51
C VAL C 98 26.79 18.63 13.72
N THR C 99 27.56 18.68 12.64
CA THR C 99 27.81 17.49 11.77
C THR C 99 29.03 16.67 12.21
N SER C 100 28.97 16.16 13.43
CA SER C 100 30.01 15.28 13.97
C SER C 100 29.21 14.21 14.73
N GLY C 101 29.77 13.00 14.69
CA GLY C 101 29.17 11.86 15.37
C GLY C 101 28.93 10.84 14.27
N THR C 102 27.87 10.06 14.41
CA THR C 102 27.69 8.87 13.59
C THR C 102 26.63 9.28 12.61
N PRO C 103 26.92 9.18 11.33
CA PRO C 103 25.96 9.55 10.26
C PRO C 103 24.86 8.50 10.12
N PHE C 104 23.68 8.96 9.68
CA PHE C 104 22.61 8.08 9.21
C PHE C 104 22.04 8.77 7.97
N ASN C 105 21.45 7.98 7.04
CA ASN C 105 20.66 8.60 5.97
C ASN C 105 19.61 7.64 5.43
N LEU C 106 18.43 8.19 5.13
CA LEU C 106 17.34 7.41 4.52
C LEU C 106 17.12 8.07 3.14
N PRO C 107 17.74 7.51 2.10
CA PRO C 107 17.40 7.91 0.75
C PRO C 107 16.14 7.17 0.24
N ILE C 108 15.36 7.83 -0.61
CA ILE C 108 14.08 7.28 -1.07
C ILE C 108 14.08 7.30 -2.55
N GLU C 109 13.94 6.11 -3.11
CA GLU C 109 13.92 5.93 -4.51
C GLU C 109 12.46 5.98 -5.06
N ASN C 110 11.50 5.48 -4.31
CA ASN C 110 10.10 5.60 -4.73
C ASN C 110 9.26 5.63 -3.50
N GLY C 111 8.34 6.59 -3.45
CA GLY C 111 7.52 6.72 -2.21
C GLY C 111 7.74 8.01 -1.47
N LEU C 112 7.01 8.21 -0.37
CA LEU C 112 6.85 9.58 0.24
C LEU C 112 6.93 9.44 1.73
N ILE C 113 7.70 10.30 2.42
CA ILE C 113 7.54 10.35 3.87
C ILE C 113 6.15 11.03 4.13
N VAL C 114 5.38 10.42 4.99
CA VAL C 114 4.04 10.93 5.23
C VAL C 114 3.76 11.03 6.71
N GLY C 115 4.81 10.90 7.52
CA GLY C 115 4.62 11.03 8.98
C GLY C 115 5.89 10.84 9.74
N PHE C 116 5.93 11.45 10.91
CA PHE C 116 7.08 11.36 11.82
C PHE C 116 6.62 10.85 13.18
N LYS C 117 7.47 10.05 13.84
CA LYS C 117 7.34 9.76 15.28
C LYS C 117 8.74 9.73 15.89
N GLY C 118 8.83 9.67 17.23
CA GLY C 118 10.08 9.74 17.89
C GLY C 118 10.01 10.12 19.35
N SER C 119 11.10 10.73 19.82
CA SER C 119 11.14 11.16 21.19
C SER C 119 12.03 12.36 21.36
N ILE C 120 11.57 13.32 22.18
CA ILE C 120 12.34 14.53 22.44
C ILE C 120 12.36 14.79 23.96
N GLY C 121 13.56 14.92 24.53
CA GLY C 121 13.81 15.27 25.93
C GLY C 121 14.46 16.65 25.92
N TYR C 122 15.63 16.82 26.48
CA TYR C 122 16.36 18.06 26.21
C TYR C 122 16.59 18.23 24.68
N TRP C 123 16.90 17.12 24.00
CA TRP C 123 17.11 17.15 22.53
C TRP C 123 16.27 16.04 21.84
N LEU C 124 16.24 16.07 20.52
CA LEU C 124 15.66 14.98 19.70
C LEU C 124 16.47 13.68 19.92
N ASP C 125 15.88 12.76 20.66
CA ASP C 125 16.55 11.51 21.09
C ASP C 125 16.62 10.57 19.86
N TYR C 126 15.55 10.55 19.08
CA TYR C 126 15.43 9.62 17.93
C TYR C 126 14.10 9.83 17.22
N PHE C 127 14.03 9.32 15.98
CA PHE C 127 12.81 9.50 15.16
C PHE C 127 12.77 8.40 14.12
N SER C 128 11.54 8.13 13.68
CA SER C 128 11.21 7.18 12.60
C SER C 128 10.24 7.87 11.65
N MET C 129 10.06 7.26 10.51
CA MET C 129 9.34 7.95 9.43
C MET C 129 8.33 7.00 8.84
N TYR C 130 7.10 7.49 8.63
CA TYR C 130 6.09 6.75 7.84
C TYR C 130 6.27 6.96 6.36
N LEU C 131 6.32 5.88 5.58
CA LEU C 131 6.43 5.92 4.16
C LEU C 131 5.20 5.31 3.46
N SER C 132 4.71 6.00 2.42
CA SER C 132 3.62 5.46 1.64
C SER C 132 3.85 5.76 0.14
N LEU C 133 3.22 5.02 -0.76
CA LEU C 133 3.00 5.51 -2.13
C LEU C 133 1.88 6.55 -2.11
N GLN D 2 -7.56 -8.75 12.14
CA GLN D 2 -7.30 -7.39 11.61
C GLN D 2 -7.82 -6.42 12.70
N SER D 3 -7.49 -5.14 12.63
CA SER D 3 -8.30 -4.13 13.34
C SER D 3 -8.78 -3.14 12.27
N GLY D 4 -9.67 -2.22 12.65
CA GLY D 4 -10.09 -1.09 11.80
C GLY D 4 -9.10 0.03 11.61
N ILE D 5 -7.83 -0.16 12.00
CA ILE D 5 -6.77 0.87 11.84
C ILE D 5 -5.92 0.60 10.63
N SER D 6 -5.94 1.50 9.68
CA SER D 6 -5.07 1.38 8.56
C SER D 6 -3.58 1.40 9.01
N GLN D 7 -2.73 0.66 8.31
N GLN D 7 -2.76 0.69 8.22
CA GLN D 7 -1.32 0.65 8.65
CA GLN D 7 -1.35 0.40 8.46
C GLN D 7 -0.52 1.13 7.45
C GLN D 7 -0.51 1.11 7.39
N THR D 8 0.75 1.42 7.74
CA THR D 8 1.64 2.14 6.90
C THR D 8 3.05 1.61 7.27
N VAL D 9 3.90 1.46 6.23
CA VAL D 9 5.31 1.19 6.43
C VAL D 9 5.91 2.28 7.37
N ILE D 10 6.76 1.83 8.30
CA ILE D 10 7.52 2.72 9.23
C ILE D 10 8.98 2.29 9.22
N VAL D 11 9.90 3.23 8.95
CA VAL D 11 11.35 2.90 8.95
C VAL D 11 11.97 3.75 10.11
N GLY D 12 12.98 3.22 10.76
CA GLY D 12 13.52 3.84 11.93
C GLY D 12 13.43 2.89 13.13
N PRO D 13 13.86 3.35 14.28
CA PRO D 13 14.34 4.71 14.35
C PRO D 13 15.84 4.95 14.14
N TRP D 14 16.20 6.23 13.93
CA TRP D 14 17.59 6.75 13.97
C TRP D 14 17.84 7.68 15.12
N GLY D 15 19.02 7.63 15.73
CA GLY D 15 19.33 8.36 16.96
C GLY D 15 19.70 7.44 18.14
N ALA D 16 19.14 6.23 18.18
CA ALA D 16 19.35 5.14 19.19
C ALA D 16 18.06 4.68 19.88
N GLY E 1 -16.55 -26.93 -4.90
CA GLY E 1 -15.59 -26.98 -6.05
C GLY E 1 -14.16 -27.01 -5.55
N LYS E 2 -13.20 -26.70 -6.42
CA LYS E 2 -11.83 -26.59 -6.04
C LYS E 2 -11.47 -25.12 -5.85
N ALA E 3 -11.10 -24.80 -4.63
CA ALA E 3 -10.63 -23.48 -4.27
C ALA E 3 -9.32 -23.18 -5.00
N PHE E 4 -9.13 -21.92 -5.42
CA PHE E 4 -7.86 -21.56 -6.02
C PHE E 4 -7.47 -20.20 -5.52
N ASP E 5 -6.18 -19.91 -5.53
CA ASP E 5 -5.73 -18.59 -5.07
C ASP E 5 -4.38 -18.29 -5.71
N ASP E 6 -4.36 -17.45 -6.73
CA ASP E 6 -3.10 -17.19 -7.34
C ASP E 6 -2.19 -16.24 -6.53
N GLY E 7 -2.75 -15.43 -5.61
CA GLY E 7 -1.98 -14.40 -4.90
C GLY E 7 -1.78 -13.18 -5.77
N ALA E 8 -0.83 -12.33 -5.42
CA ALA E 8 -0.77 -10.98 -6.01
C ALA E 8 0.49 -10.84 -6.86
N PHE E 9 0.38 -10.13 -7.97
CA PHE E 9 1.47 -10.04 -8.93
C PHE E 9 1.62 -8.57 -9.24
N THR E 10 2.35 -8.25 -10.29
CA THR E 10 2.54 -6.86 -10.60
C THR E 10 1.60 -6.27 -11.60
N GLY E 11 0.76 -7.15 -12.13
CA GLY E 11 -0.32 -6.72 -13.03
C GLY E 11 -0.78 -7.87 -13.92
N ILE E 12 -1.58 -7.52 -14.95
CA ILE E 12 -2.24 -8.51 -15.79
C ILE E 12 -1.87 -8.37 -17.24
N ARG E 13 -1.39 -9.45 -17.88
CA ARG E 13 -1.04 -9.39 -19.33
C ARG E 13 -2.15 -10.03 -20.20
N GLU E 14 -2.75 -11.09 -19.70
CA GLU E 14 -3.77 -11.83 -20.50
C GLU E 14 -4.69 -12.55 -19.58
N ILE E 15 -6.00 -12.63 -19.95
CA ILE E 15 -6.98 -13.41 -19.22
C ILE E 15 -7.47 -14.51 -20.20
N ASN E 16 -7.38 -15.75 -19.78
CA ASN E 16 -7.97 -16.84 -20.56
C ASN E 16 -9.13 -17.42 -19.77
N LEU E 17 -10.29 -17.48 -20.38
CA LEU E 17 -11.43 -18.08 -19.72
C LEU E 17 -12.22 -18.87 -20.74
N SER E 18 -13.13 -19.71 -20.26
CA SER E 18 -14.07 -20.30 -21.17
C SER E 18 -15.45 -20.24 -20.57
N TYR E 19 -16.45 -20.43 -21.42
CA TYR E 19 -17.87 -20.29 -21.03
C TYR E 19 -18.71 -21.11 -21.98
N ASN E 20 -19.96 -21.23 -21.59
CA ASN E 20 -21.00 -21.84 -22.40
C ASN E 20 -22.20 -20.92 -22.35
N LYS E 21 -22.72 -20.54 -23.55
CA LYS E 21 -23.90 -19.68 -23.65
C LYS E 21 -25.16 -20.31 -23.04
N GLU E 22 -25.11 -21.57 -22.59
CA GLU E 22 -26.24 -22.23 -21.93
C GLU E 22 -26.13 -22.29 -20.42
N THR E 23 -24.90 -22.40 -19.89
CA THR E 23 -24.66 -22.53 -18.45
C THR E 23 -23.94 -21.29 -17.82
N ALA E 24 -22.60 -21.26 -17.83
CA ALA E 24 -21.80 -20.28 -17.08
C ALA E 24 -20.31 -20.35 -17.41
N ILE E 25 -19.51 -19.60 -16.63
CA ILE E 25 -18.07 -19.55 -16.80
C ILE E 25 -17.56 -20.90 -16.36
N GLY E 26 -16.64 -21.45 -17.14
CA GLY E 26 -15.98 -22.75 -16.87
C GLY E 26 -14.54 -22.78 -16.37
N ASP E 27 -13.60 -22.29 -17.17
CA ASP E 27 -12.16 -22.25 -16.84
C ASP E 27 -11.68 -20.78 -16.74
N PHE E 28 -10.55 -20.59 -16.06
CA PHE E 28 -10.02 -19.27 -15.79
C PHE E 28 -8.51 -19.35 -15.54
N GLN E 29 -7.72 -18.69 -16.38
CA GLN E 29 -6.27 -18.67 -16.22
C GLN E 29 -5.77 -17.30 -16.58
N VAL E 30 -4.93 -16.76 -15.70
CA VAL E 30 -4.34 -15.49 -15.99
C VAL E 30 -2.87 -15.58 -16.31
N VAL E 31 -2.44 -14.81 -17.33
CA VAL E 31 -1.00 -14.52 -17.53
C VAL E 31 -0.73 -13.17 -16.85
N TYR E 32 -0.19 -13.24 -15.64
CA TYR E 32 0.28 -12.02 -14.92
C TYR E 32 1.54 -11.36 -15.47
N ASP E 33 1.69 -10.06 -15.14
CA ASP E 33 3.05 -9.53 -15.12
C ASP E 33 3.70 -9.82 -13.72
N LEU E 34 4.99 -10.19 -13.71
CA LEU E 34 5.77 -10.27 -12.48
C LEU E 34 7.03 -9.49 -12.72
N ASN E 35 7.06 -8.29 -12.20
CA ASN E 35 8.23 -7.45 -12.39
C ASN E 35 8.71 -7.17 -13.83
N GLY E 36 7.75 -7.06 -14.78
CA GLY E 36 8.10 -6.68 -16.18
C GLY E 36 8.26 -7.86 -17.10
N SER E 37 8.20 -9.08 -16.55
CA SER E 37 8.15 -10.32 -17.36
C SER E 37 6.85 -11.04 -17.09
N PRO E 38 6.40 -11.91 -18.07
CA PRO E 38 5.15 -12.64 -17.93
C PRO E 38 5.30 -13.72 -16.86
N TYR E 39 4.23 -13.95 -16.08
CA TYR E 39 4.15 -15.09 -15.20
C TYR E 39 2.89 -15.88 -15.60
N VAL E 40 3.08 -17.12 -16.06
CA VAL E 40 1.94 -17.85 -16.52
C VAL E 40 1.21 -18.44 -15.31
N GLY E 41 0.00 -17.94 -15.04
CA GLY E 41 -0.79 -18.43 -13.93
C GLY E 41 -1.19 -19.88 -14.03
N GLN E 42 -1.43 -20.53 -12.88
CA GLN E 42 -2.00 -21.85 -12.82
C GLN E 42 -3.30 -21.78 -13.67
N ASN E 43 -3.64 -22.83 -14.42
CA ASN E 43 -4.93 -22.93 -15.14
C ASN E 43 -6.01 -23.58 -14.24
N HIS E 44 -7.09 -22.85 -13.97
CA HIS E 44 -8.17 -23.30 -13.08
C HIS E 44 -9.29 -23.83 -13.91
N LYS E 45 -9.36 -25.17 -14.01
CA LYS E 45 -10.26 -25.78 -14.99
C LYS E 45 -11.51 -26.36 -14.35
N SER E 46 -12.64 -26.28 -15.06
CA SER E 46 -13.83 -26.96 -14.67
C SER E 46 -13.58 -28.44 -14.53
N PHE E 47 -14.38 -29.08 -13.70
CA PHE E 47 -14.38 -30.54 -13.68
C PHE E 47 -15.01 -31.15 -14.91
N ILE E 48 -15.63 -30.35 -15.75
CA ILE E 48 -16.23 -30.87 -16.98
C ILE E 48 -15.67 -30.07 -18.10
N THR E 49 -15.96 -30.51 -19.31
CA THR E 49 -15.42 -29.94 -20.51
C THR E 49 -16.55 -29.67 -21.53
N GLY E 50 -16.22 -28.94 -22.60
CA GLY E 50 -17.19 -28.56 -23.59
C GLY E 50 -17.34 -27.04 -23.71
N PHE E 51 -16.51 -26.29 -23.02
CA PHE E 51 -16.67 -24.83 -22.99
C PHE E 51 -16.03 -24.18 -24.20
N THR E 52 -16.45 -22.96 -24.52
CA THR E 52 -15.80 -22.19 -25.57
C THR E 52 -14.71 -21.37 -24.94
N PRO E 53 -13.44 -21.50 -25.41
CA PRO E 53 -12.38 -20.69 -24.84
C PRO E 53 -12.28 -19.27 -25.42
N VAL E 54 -11.71 -18.36 -24.62
CA VAL E 54 -11.57 -16.94 -24.96
C VAL E 54 -10.21 -16.51 -24.41
N LYS E 55 -9.38 -15.90 -25.23
CA LYS E 55 -8.18 -15.26 -24.78
C LYS E 55 -8.40 -13.75 -24.88
N ILE E 56 -8.11 -13.01 -23.81
CA ILE E 56 -8.16 -11.53 -23.77
C ILE E 56 -6.71 -11.14 -23.59
N SER E 57 -6.03 -10.69 -24.67
CA SER E 57 -4.60 -10.27 -24.62
C SER E 57 -4.54 -8.78 -24.48
N LEU E 58 -4.19 -8.31 -23.30
CA LEU E 58 -4.02 -6.87 -23.07
C LEU E 58 -2.71 -6.28 -23.59
N ASP E 59 -2.77 -5.06 -24.09
CA ASP E 59 -1.60 -4.36 -24.54
C ASP E 59 -0.84 -3.75 -23.31
N PHE E 60 -0.33 -4.62 -22.47
CA PHE E 60 0.44 -4.25 -21.25
C PHE E 60 1.80 -3.57 -21.52
N PRO E 61 2.17 -2.50 -20.74
CA PRO E 61 1.43 -1.97 -19.56
C PRO E 61 0.43 -0.80 -19.81
N SER E 62 0.24 -0.34 -21.02
CA SER E 62 -0.65 0.81 -21.23
C SER E 62 -2.14 0.49 -21.07
N GLU E 63 -2.51 -0.76 -21.38
CA GLU E 63 -3.89 -1.18 -21.23
C GLU E 63 -4.04 -1.94 -19.93
N TYR E 64 -5.01 -1.54 -19.12
CA TYR E 64 -5.28 -2.21 -17.85
C TYR E 64 -6.77 -2.22 -17.60
N ILE E 65 -7.23 -3.24 -16.88
CA ILE E 65 -8.66 -3.38 -16.53
C ILE E 65 -9.15 -2.28 -15.57
N MET E 66 -10.24 -1.59 -15.94
CA MET E 66 -10.88 -0.53 -15.11
C MET E 66 -12.17 -0.97 -14.51
N GLU E 67 -12.70 -2.09 -15.02
CA GLU E 67 -13.96 -2.60 -14.48
C GLU E 67 -14.17 -4.11 -14.79
N VAL E 68 -14.50 -4.91 -13.82
CA VAL E 68 -14.92 -6.28 -14.06
C VAL E 68 -16.39 -6.31 -13.62
N SER E 69 -17.18 -6.98 -14.41
CA SER E 69 -18.63 -7.04 -14.11
C SER E 69 -19.14 -8.37 -14.62
N GLY E 70 -20.35 -8.73 -14.21
CA GLY E 70 -20.93 -9.96 -14.72
C GLY E 70 -22.22 -10.26 -13.99
N TYR E 71 -22.66 -11.52 -14.05
CA TYR E 71 -23.91 -11.90 -13.41
C TYR E 71 -23.69 -13.20 -12.64
N THR E 72 -24.36 -13.33 -11.50
CA THR E 72 -24.35 -14.60 -10.74
C THR E 72 -25.75 -15.17 -10.68
N GLY E 73 -25.85 -16.47 -10.90
CA GLY E 73 -27.18 -17.06 -11.06
C GLY E 73 -27.11 -18.54 -10.84
N ASN E 74 -28.26 -19.19 -11.04
CA ASN E 74 -28.46 -20.57 -10.69
C ASN E 74 -28.26 -21.45 -11.95
N VAL E 75 -27.37 -22.45 -11.89
CA VAL E 75 -27.25 -23.44 -12.97
C VAL E 75 -27.32 -24.77 -12.23
N SER E 76 -28.32 -25.60 -12.56
CA SER E 76 -28.43 -26.92 -12.02
C SER E 76 -28.46 -26.94 -10.52
N GLY E 77 -29.14 -25.99 -9.91
CA GLY E 77 -29.12 -25.83 -8.45
C GLY E 77 -27.94 -25.16 -7.75
N TYR E 78 -26.94 -24.69 -8.50
CA TYR E 78 -25.78 -24.04 -7.88
C TYR E 78 -25.79 -22.56 -8.26
N VAL E 79 -25.44 -21.66 -7.33
CA VAL E 79 -25.18 -20.26 -7.70
C VAL E 79 -23.75 -20.24 -8.23
N VAL E 80 -23.59 -19.67 -9.42
CA VAL E 80 -22.29 -19.62 -10.06
C VAL E 80 -22.14 -18.27 -10.81
N VAL E 81 -20.92 -17.99 -11.28
CA VAL E 81 -20.70 -16.82 -12.10
C VAL E 81 -21.03 -17.16 -13.56
N ARG E 82 -22.08 -16.54 -14.07
CA ARG E 82 -22.67 -16.98 -15.35
C ARG E 82 -22.14 -16.15 -16.49
N SER E 83 -21.69 -14.94 -16.14
CA SER E 83 -21.23 -14.01 -17.16
C SER E 83 -20.09 -13.13 -16.62
N LEU E 84 -19.07 -12.80 -17.44
CA LEU E 84 -18.06 -11.86 -16.99
C LEU E 84 -17.82 -10.92 -18.14
N THR E 85 -17.54 -9.68 -17.79
CA THR E 85 -17.15 -8.68 -18.73
C THR E 85 -15.92 -7.97 -18.15
N PHE E 86 -14.93 -7.72 -19.00
CA PHE E 86 -13.76 -6.98 -18.57
C PHE E 86 -13.67 -5.73 -19.38
N LYS E 87 -13.79 -4.56 -18.73
CA LYS E 87 -13.61 -3.26 -19.42
C LYS E 87 -12.25 -2.71 -19.07
N THR E 88 -11.45 -2.34 -20.08
CA THR E 88 -10.17 -1.67 -19.83
C THR E 88 -10.22 -0.15 -20.20
N ASN E 89 -9.10 0.59 -20.06
CA ASN E 89 -9.01 1.98 -20.49
C ASN E 89 -9.13 1.98 -22.02
N LYS E 90 -9.09 0.81 -22.65
CA LYS E 90 -8.97 0.79 -24.13
C LYS E 90 -10.15 0.16 -24.80
N LYS E 91 -10.64 -0.94 -24.25
CA LYS E 91 -11.67 -1.76 -24.93
C LYS E 91 -12.57 -2.39 -23.88
N THR E 92 -13.72 -2.87 -24.35
CA THR E 92 -14.52 -3.81 -23.61
C THR E 92 -14.47 -5.23 -24.16
N TYR E 93 -14.29 -6.16 -23.22
CA TYR E 93 -14.18 -7.58 -23.46
C TYR E 93 -15.37 -8.33 -22.84
N GLY E 94 -16.32 -8.75 -23.72
CA GLY E 94 -17.45 -9.57 -23.29
C GLY E 94 -18.70 -8.77 -23.55
N PRO E 95 -19.83 -9.16 -22.96
CA PRO E 95 -19.92 -10.22 -21.97
C PRO E 95 -19.63 -11.62 -22.53
N TYR E 96 -19.13 -12.51 -21.67
CA TYR E 96 -18.98 -13.90 -21.96
C TYR E 96 -19.86 -14.68 -21.03
N GLY E 97 -20.70 -15.52 -21.62
CA GLY E 97 -21.62 -16.33 -20.80
C GLY E 97 -23.04 -15.86 -20.95
N VAL E 98 -23.87 -16.15 -19.96
CA VAL E 98 -25.27 -15.76 -20.02
C VAL E 98 -25.50 -14.57 -19.08
N THR E 99 -25.96 -13.45 -19.63
CA THR E 99 -26.18 -12.28 -18.80
C THR E 99 -27.57 -12.28 -18.18
N SER E 100 -27.84 -13.23 -17.29
CA SER E 100 -29.00 -13.06 -16.42
C SER E 100 -28.72 -13.56 -15.01
N GLY E 101 -29.54 -13.05 -14.10
CA GLY E 101 -29.39 -13.33 -12.71
C GLY E 101 -29.08 -12.01 -12.06
N THR E 102 -28.17 -12.08 -11.08
CA THR E 102 -27.87 -10.95 -10.25
C THR E 102 -26.62 -10.25 -10.75
N PRO E 103 -26.73 -8.97 -11.15
CA PRO E 103 -25.47 -8.36 -11.66
C PRO E 103 -24.53 -8.01 -10.51
N PHE E 104 -23.26 -7.90 -10.82
CA PHE E 104 -22.31 -7.27 -9.90
C PHE E 104 -21.33 -6.54 -10.75
N ASN E 105 -20.62 -5.61 -10.11
CA ASN E 105 -19.60 -4.88 -10.84
C ASN E 105 -18.56 -4.24 -9.98
N LEU E 106 -17.30 -4.38 -10.41
CA LEU E 106 -16.21 -3.77 -9.66
C LEU E 106 -15.51 -2.77 -10.56
N PRO E 107 -15.94 -1.48 -10.52
CA PRO E 107 -15.23 -0.40 -11.19
C PRO E 107 -14.10 0.10 -10.29
N ILE E 108 -13.01 0.46 -10.94
CA ILE E 108 -11.79 0.85 -10.24
C ILE E 108 -11.47 2.26 -10.69
N GLU E 109 -11.48 3.15 -9.73
CA GLU E 109 -11.17 4.51 -10.00
C GLU E 109 -9.66 4.76 -9.93
N ASN E 110 -9.01 4.13 -8.96
CA ASN E 110 -7.54 4.23 -8.82
C ASN E 110 -6.93 2.94 -8.28
N GLY E 111 -5.85 2.47 -8.92
CA GLY E 111 -5.23 1.19 -8.56
C GLY E 111 -5.50 0.06 -9.60
N LEU E 112 -5.02 -1.14 -9.28
CA LEU E 112 -4.94 -2.23 -10.25
C LEU E 112 -5.43 -3.50 -9.67
N ILE E 113 -6.08 -4.29 -10.53
CA ILE E 113 -6.28 -5.71 -10.17
C ILE E 113 -4.92 -6.43 -10.36
N VAL E 114 -4.48 -7.17 -9.33
CA VAL E 114 -3.15 -7.89 -9.39
C VAL E 114 -3.20 -9.39 -9.06
N GLY E 115 -4.40 -9.94 -8.93
CA GLY E 115 -4.48 -11.32 -8.56
C GLY E 115 -5.93 -11.72 -8.55
N PHE E 116 -6.18 -13.03 -8.69
CA PHE E 116 -7.51 -13.55 -8.53
C PHE E 116 -7.46 -14.77 -7.64
N LYS E 117 -8.56 -15.06 -6.94
CA LYS E 117 -8.72 -16.29 -6.16
C LYS E 117 -10.22 -16.67 -6.25
N GLY E 118 -10.57 -17.90 -5.95
CA GLY E 118 -11.96 -18.30 -6.06
C GLY E 118 -12.11 -19.81 -5.89
N SER E 119 -13.14 -20.35 -6.56
CA SER E 119 -13.44 -21.78 -6.56
C SER E 119 -14.18 -22.14 -7.85
N ILE E 120 -13.83 -23.32 -8.40
CA ILE E 120 -14.44 -23.80 -9.62
C ILE E 120 -14.86 -25.26 -9.45
N GLY E 121 -16.13 -25.54 -9.73
CA GLY E 121 -16.68 -26.92 -9.77
C GLY E 121 -16.92 -27.31 -11.20
N TYR E 122 -18.16 -27.58 -11.55
CA TYR E 122 -18.49 -27.62 -12.96
C TYR E 122 -18.39 -26.20 -13.58
N TRP E 123 -18.78 -25.18 -12.80
CA TRP E 123 -18.67 -23.74 -13.20
C TRP E 123 -17.95 -22.91 -12.14
N LEU E 124 -17.50 -21.72 -12.53
CA LEU E 124 -16.92 -20.74 -11.61
C LEU E 124 -17.97 -20.44 -10.53
N ASP E 125 -17.67 -20.83 -9.29
CA ASP E 125 -18.61 -20.76 -8.17
C ASP E 125 -18.55 -19.39 -7.61
N TYR E 126 -17.32 -18.87 -7.44
CA TYR E 126 -17.12 -17.48 -6.86
C TYR E 126 -15.72 -17.01 -7.15
N PHE E 127 -15.50 -15.71 -7.07
CA PHE E 127 -14.18 -15.17 -7.20
C PHE E 127 -13.98 -13.84 -6.47
N SER E 128 -12.73 -13.64 -6.14
CA SER E 128 -12.21 -12.41 -5.52
C SER E 128 -11.03 -11.86 -6.25
N MET E 129 -10.74 -10.57 -5.98
CA MET E 129 -9.67 -9.91 -6.66
C MET E 129 -8.72 -9.20 -5.72
N TYR E 130 -7.44 -9.31 -5.96
CA TYR E 130 -6.47 -8.54 -5.20
C TYR E 130 -6.31 -7.17 -5.85
N LEU E 131 -6.21 -6.10 -5.05
CA LEU E 131 -6.02 -4.78 -5.59
C LEU E 131 -4.80 -4.12 -4.95
N SER E 132 -4.12 -3.31 -5.74
CA SER E 132 -2.90 -2.69 -5.30
C SER E 132 -2.75 -1.44 -6.10
N LEU E 133 -1.96 -0.50 -5.56
CA LEU E 133 -1.44 0.57 -6.36
C LEU E 133 -0.20 0.02 -7.10
N GLN F 2 2.91 -9.26 12.69
CA GLN F 2 2.36 -10.59 12.35
C GLN F 2 3.48 -11.53 11.78
N SER F 3 3.64 -11.49 10.45
CA SER F 3 4.43 -12.48 9.75
C SER F 3 5.24 -11.86 8.61
N GLY F 4 6.12 -12.65 8.06
CA GLY F 4 6.89 -12.21 6.89
C GLY F 4 6.14 -12.31 5.59
N ILE F 5 4.81 -12.46 5.60
CA ILE F 5 4.08 -12.51 4.30
C ILE F 5 3.56 -11.12 3.97
N SER F 6 3.90 -10.54 2.81
CA SER F 6 3.35 -9.27 2.34
C SER F 6 1.81 -9.33 2.22
N GLN F 7 1.10 -8.27 2.53
CA GLN F 7 -0.32 -8.39 2.29
C GLN F 7 -0.80 -7.44 1.24
N THR F 8 -2.05 -7.61 0.87
CA THR F 8 -2.67 -6.85 -0.26
C THR F 8 -4.14 -6.76 0.05
N VAL F 9 -4.75 -5.69 -0.43
CA VAL F 9 -6.22 -5.54 -0.33
C VAL F 9 -6.86 -6.61 -1.21
N ILE F 10 -7.90 -7.29 -0.69
CA ILE F 10 -8.61 -8.26 -1.51
C ILE F 10 -10.10 -7.85 -1.40
N VAL F 11 -10.81 -7.79 -2.54
CA VAL F 11 -12.25 -7.53 -2.59
C VAL F 11 -13.03 -8.73 -3.19
N GLY F 12 -14.30 -8.92 -2.80
CA GLY F 12 -15.05 -10.13 -3.08
C GLY F 12 -15.25 -10.97 -1.83
N PRO F 13 -15.71 -12.24 -2.00
CA PRO F 13 -15.99 -12.87 -3.31
C PRO F 13 -17.36 -12.43 -3.96
N TRP F 14 -17.49 -12.63 -5.29
CA TRP F 14 -18.78 -12.57 -5.97
C TRP F 14 -19.17 -13.96 -6.40
N GLY F 15 -20.42 -14.37 -6.14
CA GLY F 15 -20.89 -15.67 -6.61
C GLY F 15 -21.48 -16.44 -5.46
N ALA F 16 -21.31 -17.77 -5.43
CA ALA F 16 -21.83 -18.60 -4.33
C ALA F 16 -21.17 -18.31 -2.94
N LYS F 17 -21.93 -18.59 -1.86
CA LYS F 17 -21.41 -19.09 -0.56
C LYS F 17 -22.17 -18.48 0.61
N GLY G 1 -25.74 17.31 -9.40
CA GLY G 1 -25.46 17.31 -7.93
C GLY G 1 -24.13 17.95 -7.57
N LYS G 2 -23.88 18.10 -6.27
CA LYS G 2 -22.59 18.70 -5.83
C LYS G 2 -21.58 17.64 -5.43
N ALA G 3 -20.48 17.58 -6.16
CA ALA G 3 -19.40 16.58 -5.92
C ALA G 3 -18.81 16.81 -4.53
N PHE G 4 -18.39 15.73 -3.92
CA PHE G 4 -17.68 15.80 -2.65
C PHE G 4 -16.60 14.71 -2.70
N ASP G 5 -15.57 14.90 -1.87
CA ASP G 5 -14.41 14.04 -1.79
C ASP G 5 -13.77 14.27 -0.45
N ASP G 6 -14.07 13.42 0.55
CA ASP G 6 -13.44 13.59 1.84
C ASP G 6 -11.95 13.26 1.81
N GLY G 7 -11.52 12.40 0.88
CA GLY G 7 -10.10 11.98 0.82
C GLY G 7 -9.94 10.73 1.75
N ALA G 8 -8.70 10.34 2.06
CA ALA G 8 -8.46 9.10 2.86
C ALA G 8 -8.03 9.39 4.28
N PHE G 9 -8.39 8.46 5.15
CA PHE G 9 -8.14 8.61 6.60
C PHE G 9 -7.55 7.32 7.18
N THR G 10 -7.53 7.20 8.50
CA THR G 10 -7.02 5.96 9.14
C THR G 10 -8.10 4.90 9.31
N GLY G 11 -9.39 5.30 9.26
CA GLY G 11 -10.48 4.43 9.60
C GLY G 11 -11.83 5.14 9.66
N ILE G 12 -12.82 4.43 10.13
CA ILE G 12 -14.16 4.95 10.25
C ILE G 12 -14.69 4.77 11.63
N ARG G 13 -15.21 5.85 12.22
CA ARG G 13 -15.84 5.73 13.55
C ARG G 13 -17.35 5.84 13.43
N GLU G 14 -17.84 6.63 12.49
CA GLU G 14 -19.32 6.76 12.46
C GLU G 14 -19.79 7.25 11.12
N ILE G 15 -20.94 6.73 10.70
CA ILE G 15 -21.60 7.20 9.45
C ILE G 15 -22.98 7.79 9.77
N ASN G 16 -23.19 9.04 9.37
CA ASN G 16 -24.42 9.72 9.52
C ASN G 16 -25.01 9.99 8.17
N LEU G 17 -26.07 9.24 7.87
CA LEU G 17 -26.72 9.41 6.53
C LEU G 17 -28.23 9.64 6.69
N SER G 18 -28.93 9.96 5.61
CA SER G 18 -30.38 10.04 5.70
C SER G 18 -30.95 9.37 4.41
N TYR G 19 -32.23 9.00 4.43
CA TYR G 19 -32.87 8.32 3.33
C TYR G 19 -34.38 8.53 3.40
N ASN G 20 -35.01 8.32 2.26
CA ASN G 20 -36.48 8.35 2.15
C ASN G 20 -36.81 7.13 1.26
N LYS G 21 -37.59 6.25 1.83
CA LYS G 21 -38.09 5.06 1.11
C LYS G 21 -38.86 5.31 -0.15
N GLU G 22 -39.59 6.41 -0.22
CA GLU G 22 -40.24 6.85 -1.47
C GLU G 22 -39.23 7.17 -2.58
N THR G 23 -37.98 7.49 -2.20
CA THR G 23 -36.99 7.98 -3.15
C THR G 23 -35.62 7.26 -2.99
N ALA G 24 -34.67 7.91 -2.29
CA ALA G 24 -33.26 7.52 -2.27
C ALA G 24 -32.43 8.08 -1.05
N ILE G 25 -31.14 7.75 -0.99
CA ILE G 25 -30.20 8.29 0.03
C ILE G 25 -30.16 9.80 -0.16
N GLY G 26 -30.16 10.54 0.93
CA GLY G 26 -30.11 11.97 0.90
C GLY G 26 -28.75 12.44 1.41
N ASP G 27 -28.62 12.66 2.72
CA ASP G 27 -27.35 13.26 3.24
C ASP G 27 -26.33 12.23 3.58
N PHE G 28 -25.07 12.62 3.51
CA PHE G 28 -24.03 11.66 3.82
C PHE G 28 -22.84 12.36 4.55
N GLN G 29 -22.51 11.83 5.72
CA GLN G 29 -21.45 12.43 6.54
C GLN G 29 -20.76 11.32 7.37
N VAL G 30 -19.45 11.46 7.55
CA VAL G 30 -18.63 10.41 8.18
C VAL G 30 -17.72 11.03 9.25
N VAL G 31 -17.67 10.41 10.41
CA VAL G 31 -16.62 10.78 11.38
C VAL G 31 -15.54 9.72 11.10
N TYR G 32 -14.41 10.16 10.55
CA TYR G 32 -13.31 9.21 10.36
C TYR G 32 -12.45 9.05 11.62
N ASP G 33 -11.54 8.09 11.56
CA ASP G 33 -10.41 8.14 12.43
C ASP G 33 -9.23 8.73 11.71
N LEU G 34 -8.54 9.62 12.41
CA LEU G 34 -7.30 10.18 11.93
C LEU G 34 -6.20 9.92 12.97
N ASN G 35 -5.39 8.88 12.73
CA ASN G 35 -4.25 8.64 13.65
C ASN G 35 -4.64 8.53 15.11
N GLY G 36 -5.82 7.89 15.28
CA GLY G 36 -6.38 7.56 16.60
C GLY G 36 -7.27 8.66 17.17
N SER G 37 -7.49 9.78 16.46
CA SER G 37 -8.47 10.80 16.92
C SER G 37 -9.67 10.97 15.98
N PRO G 38 -10.88 11.27 16.51
CA PRO G 38 -12.06 11.47 15.60
C PRO G 38 -11.82 12.64 14.65
N TYR G 39 -12.16 12.47 13.37
CA TYR G 39 -12.08 13.55 12.40
C TYR G 39 -13.49 13.71 11.82
N VAL G 40 -14.06 14.87 12.07
CA VAL G 40 -15.46 15.11 11.76
C VAL G 40 -15.50 15.63 10.33
N GLY G 41 -15.93 14.75 9.44
CA GLY G 41 -16.07 15.00 8.01
C GLY G 41 -17.17 16.01 7.70
N GLN G 42 -16.99 16.77 6.61
CA GLN G 42 -18.04 17.68 6.19
C GLN G 42 -19.39 16.96 5.99
N ASN G 43 -20.49 17.59 6.43
CA ASN G 43 -21.84 17.02 6.24
C ASN G 43 -22.23 17.28 4.76
N HIS G 44 -22.46 16.23 3.96
CA HIS G 44 -22.78 16.45 2.55
C HIS G 44 -24.29 16.38 2.44
N LYS G 45 -24.90 17.54 2.20
CA LYS G 45 -26.37 17.66 2.38
C LYS G 45 -27.08 17.56 1.03
N SER G 46 -28.17 16.79 1.02
CA SER G 46 -29.17 16.89 -0.06
C SER G 46 -29.66 18.33 -0.27
N PHE G 47 -30.12 18.66 -1.47
CA PHE G 47 -30.55 20.02 -1.74
C PHE G 47 -31.95 20.22 -1.17
N ILE G 48 -32.60 19.14 -0.75
CA ILE G 48 -33.97 19.14 -0.30
C ILE G 48 -33.99 18.48 1.06
N THR G 49 -35.15 18.48 1.73
CA THR G 49 -35.29 17.86 3.05
C THR G 49 -36.36 16.77 2.96
N GLY G 50 -36.74 16.17 4.09
CA GLY G 50 -37.88 15.23 4.12
C GLY G 50 -37.31 13.85 4.41
N PHE G 51 -36.03 13.80 4.80
CA PHE G 51 -35.34 12.53 4.91
C PHE G 51 -35.34 11.98 6.34
N THR G 52 -35.03 10.69 6.54
CA THR G 52 -35.03 10.08 7.89
C THR G 52 -33.52 9.94 8.21
N PRO G 53 -33.06 10.35 9.39
CA PRO G 53 -31.61 10.24 9.66
C PRO G 53 -31.24 8.87 10.27
N VAL G 54 -30.00 8.41 10.03
CA VAL G 54 -29.51 7.13 10.53
C VAL G 54 -28.11 7.43 11.05
N LYS G 55 -27.81 6.96 12.27
CA LYS G 55 -26.43 7.10 12.79
C LYS G 55 -25.80 5.74 12.96
N ILE G 56 -24.71 5.45 12.24
CA ILE G 56 -24.06 4.13 12.34
C ILE G 56 -22.79 4.41 13.14
N SER G 57 -22.77 3.98 14.40
CA SER G 57 -21.69 4.37 15.38
C SER G 57 -20.88 3.13 15.64
N LEU G 58 -19.67 3.05 15.06
CA LEU G 58 -18.94 1.78 15.04
C LEU G 58 -18.11 1.74 16.28
N ASP G 59 -17.94 0.56 16.85
CA ASP G 59 -17.05 0.36 18.01
C ASP G 59 -15.61 0.32 17.49
N PHE G 60 -15.13 1.43 16.99
CA PHE G 60 -13.80 1.55 16.39
C PHE G 60 -12.73 1.38 17.48
N PRO G 61 -11.64 0.63 17.23
CA PRO G 61 -11.16 -0.08 16.05
C PRO G 61 -11.53 -1.58 15.97
N SER G 62 -12.16 -2.10 17.03
CA SER G 62 -12.58 -3.48 17.09
C SER G 62 -13.53 -3.78 15.90
N GLU G 63 -14.43 -2.85 15.61
CA GLU G 63 -15.49 -3.05 14.58
C GLU G 63 -15.17 -2.26 13.34
N TYR G 64 -15.24 -2.89 12.16
CA TYR G 64 -14.96 -2.21 10.87
C TYR G 64 -15.85 -2.84 9.78
N ILE G 65 -16.16 -2.03 8.77
CA ILE G 65 -16.99 -2.44 7.66
C ILE G 65 -16.27 -3.53 6.85
N MET G 66 -17.00 -4.57 6.56
CA MET G 66 -16.55 -5.70 5.75
C MET G 66 -17.25 -5.78 4.36
N GLU G 67 -18.37 -5.07 4.22
CA GLU G 67 -19.11 -5.08 2.90
C GLU G 67 -20.01 -3.85 2.83
N VAL G 68 -19.92 -3.14 1.69
CA VAL G 68 -20.88 -2.07 1.43
C VAL G 68 -21.72 -2.54 0.23
N SER G 69 -23.05 -2.53 0.38
CA SER G 69 -23.88 -2.93 -0.77
C SER G 69 -25.03 -1.91 -0.93
N GLY G 70 -25.77 -2.02 -2.03
CA GLY G 70 -26.91 -1.11 -2.21
C GLY G 70 -27.57 -1.33 -3.55
N TYR G 71 -28.47 -0.44 -3.92
CA TYR G 71 -29.15 -0.47 -5.21
C TYR G 71 -29.08 0.90 -5.73
N THR G 72 -28.89 0.98 -7.04
CA THR G 72 -29.06 2.22 -7.78
C THR G 72 -30.33 2.12 -8.67
N GLY G 73 -30.94 3.25 -8.97
CA GLY G 73 -32.15 3.23 -9.80
C GLY G 73 -32.63 4.63 -10.07
N ASN G 74 -33.64 4.72 -10.96
CA ASN G 74 -34.16 5.97 -11.46
C ASN G 74 -35.13 6.54 -10.43
N VAL G 75 -34.90 7.77 -10.04
CA VAL G 75 -35.84 8.48 -9.16
C VAL G 75 -36.05 9.75 -9.90
N SER G 76 -37.32 9.94 -10.38
CA SER G 76 -37.72 11.17 -11.03
C SER G 76 -36.83 11.41 -12.27
N GLY G 77 -36.50 10.33 -12.99
CA GLY G 77 -35.65 10.44 -14.18
C GLY G 77 -34.15 10.61 -13.93
N TYR G 78 -33.72 10.45 -12.68
CA TYR G 78 -32.32 10.49 -12.34
C TYR G 78 -31.86 9.17 -11.87
N VAL G 79 -30.67 8.77 -12.30
CA VAL G 79 -30.03 7.59 -11.68
C VAL G 79 -29.37 7.98 -10.35
N VAL G 80 -29.71 7.27 -9.27
CA VAL G 80 -29.22 7.60 -7.96
C VAL G 80 -29.02 6.37 -7.15
N VAL G 81 -28.37 6.51 -6.00
CA VAL G 81 -28.15 5.39 -5.05
C VAL G 81 -29.43 5.37 -4.20
N ARG G 82 -30.24 4.32 -4.38
CA ARG G 82 -31.56 4.25 -3.66
C ARG G 82 -31.50 3.66 -2.24
N SER G 83 -30.47 2.86 -1.98
CA SER G 83 -30.39 2.06 -0.78
C SER G 83 -28.89 1.73 -0.51
N LEU G 84 -28.55 1.66 0.77
CA LEU G 84 -27.23 1.24 1.20
C LEU G 84 -27.34 0.32 2.45
N THR G 85 -26.41 -0.65 2.55
CA THR G 85 -26.22 -1.57 3.68
C THR G 85 -24.72 -1.57 4.01
N PHE G 86 -24.40 -1.48 5.30
CA PHE G 86 -22.98 -1.53 5.80
C PHE G 86 -22.90 -2.68 6.72
N LYS G 87 -22.14 -3.68 6.32
CA LYS G 87 -21.99 -4.87 7.11
C LYS G 87 -20.61 -4.79 7.74
N THR G 88 -20.56 -5.04 9.05
CA THR G 88 -19.27 -5.12 9.75
C THR G 88 -19.00 -6.50 10.27
N ASN G 89 -17.86 -6.63 10.93
CA ASN G 89 -17.49 -7.89 11.54
C ASN G 89 -18.36 -8.13 12.79
N LYS G 90 -19.20 -7.16 13.18
CA LYS G 90 -20.10 -7.29 14.32
C LYS G 90 -21.59 -7.47 13.98
N LYS G 91 -22.05 -6.77 12.97
CA LYS G 91 -23.49 -6.77 12.65
C LYS G 91 -23.72 -6.05 11.32
N THR G 92 -25.00 -5.97 10.91
CA THR G 92 -25.36 -5.36 9.64
C THR G 92 -26.21 -4.15 9.95
N TYR G 93 -25.84 -3.04 9.31
CA TYR G 93 -26.59 -1.78 9.41
C TYR G 93 -27.29 -1.55 8.07
N GLY G 94 -28.62 -1.53 8.12
CA GLY G 94 -29.45 -1.37 6.93
C GLY G 94 -30.13 -2.70 6.52
N PRO G 95 -30.72 -2.74 5.33
CA PRO G 95 -30.70 -1.72 4.29
C PRO G 95 -31.41 -0.39 4.66
N TYR G 96 -30.81 0.69 4.19
CA TYR G 96 -31.42 2.01 4.29
C TYR G 96 -31.90 2.45 2.90
N GLY G 97 -33.22 2.63 2.75
CA GLY G 97 -33.77 2.90 1.42
C GLY G 97 -34.30 1.62 0.76
N VAL G 98 -35.09 1.76 -0.27
CA VAL G 98 -35.77 0.57 -0.81
C VAL G 98 -34.82 -0.27 -1.64
N THR G 99 -34.84 -1.57 -1.39
CA THR G 99 -33.93 -2.46 -2.10
C THR G 99 -34.51 -2.84 -3.50
N SER G 100 -34.66 -1.83 -4.38
N SER G 100 -34.53 -1.85 -4.40
CA SER G 100 -35.12 -2.02 -5.78
CA SER G 100 -35.15 -1.93 -5.74
C SER G 100 -34.12 -1.35 -6.68
C SER G 100 -34.31 -1.20 -6.79
N GLY G 101 -34.01 -1.86 -7.92
CA GLY G 101 -33.10 -1.30 -8.95
C GLY G 101 -31.95 -2.24 -9.21
N THR G 102 -30.80 -1.70 -9.63
CA THR G 102 -29.67 -2.52 -9.99
C THR G 102 -28.83 -2.72 -8.74
N PRO G 103 -28.74 -3.99 -8.24
CA PRO G 103 -27.93 -4.15 -7.03
C PRO G 103 -26.42 -3.94 -7.31
N PHE G 104 -25.68 -3.59 -6.28
CA PHE G 104 -24.18 -3.62 -6.31
C PHE G 104 -23.69 -4.07 -4.94
N ASN G 105 -22.46 -4.59 -4.89
CA ASN G 105 -21.88 -4.94 -3.60
C ASN G 105 -20.43 -4.96 -3.64
N LEU G 106 -19.86 -4.43 -2.57
CA LEU G 106 -18.41 -4.45 -2.43
C LEU G 106 -18.05 -5.18 -1.11
N PRO G 107 -17.91 -6.51 -1.13
CA PRO G 107 -17.40 -7.29 -0.01
C PRO G 107 -15.85 -7.11 0.10
N ILE G 108 -15.33 -7.01 1.32
CA ILE G 108 -13.88 -6.83 1.50
C ILE G 108 -13.34 -8.07 2.23
N GLU G 109 -12.44 -8.82 1.57
CA GLU G 109 -11.79 -9.92 2.32
C GLU G 109 -10.63 -9.44 3.11
N ASN G 110 -9.93 -8.43 2.61
CA ASN G 110 -8.76 -7.94 3.35
C ASN G 110 -8.57 -6.50 3.08
N GLY G 111 -8.45 -5.65 4.12
CA GLY G 111 -8.20 -4.26 3.89
C GLY G 111 -9.41 -3.48 4.47
N LEU G 112 -9.42 -2.17 4.31
CA LEU G 112 -10.35 -1.30 5.04
C LEU G 112 -10.86 -0.21 4.14
N ILE G 113 -12.13 0.14 4.34
CA ILE G 113 -12.60 1.40 3.75
C ILE G 113 -12.10 2.57 4.55
N VAL G 114 -11.48 3.55 3.86
CA VAL G 114 -10.84 4.70 4.58
C VAL G 114 -11.23 6.05 4.10
N GLY G 115 -12.24 6.09 3.22
CA GLY G 115 -12.70 7.41 2.83
C GLY G 115 -13.82 7.25 1.81
N PHE G 116 -14.60 8.32 1.65
CA PHE G 116 -15.70 8.26 0.69
C PHE G 116 -15.61 9.52 -0.19
N LYS G 117 -16.10 9.41 -1.42
CA LYS G 117 -16.30 10.58 -2.25
C LYS G 117 -17.55 10.32 -3.09
N GLY G 118 -18.03 11.37 -3.77
CA GLY G 118 -19.29 11.18 -4.51
C GLY G 118 -19.94 12.48 -4.97
N SER G 119 -21.24 12.46 -5.12
CA SER G 119 -22.04 13.61 -5.55
C SER G 119 -23.43 13.43 -4.98
N ILE G 120 -23.92 14.51 -4.42
CA ILE G 120 -25.27 14.52 -3.90
C ILE G 120 -26.01 15.77 -4.49
N GLY G 121 -27.17 15.54 -5.10
CA GLY G 121 -28.07 16.60 -5.50
C GLY G 121 -29.30 16.51 -4.58
N TYR G 122 -30.45 16.18 -5.16
CA TYR G 122 -31.59 15.90 -4.35
C TYR G 122 -31.23 14.61 -3.62
N TRP G 123 -30.56 13.68 -4.30
CA TRP G 123 -30.18 12.38 -3.71
C TRP G 123 -28.73 12.12 -3.96
N LEU G 124 -28.23 11.09 -3.31
CA LEU G 124 -26.84 10.66 -3.55
C LEU G 124 -26.77 10.11 -5.01
N ASP G 125 -26.17 10.89 -5.90
CA ASP G 125 -26.05 10.50 -7.32
C ASP G 125 -25.13 9.25 -7.53
N TYR G 126 -23.99 9.29 -6.87
CA TYR G 126 -22.95 8.21 -7.03
C TYR G 126 -21.91 8.38 -5.90
N PHE G 127 -21.17 7.32 -5.60
CA PHE G 127 -20.09 7.41 -4.55
C PHE G 127 -18.99 6.40 -4.93
N SER G 128 -17.81 6.64 -4.40
CA SER G 128 -16.70 5.72 -4.54
C SER G 128 -16.13 5.60 -3.11
N MET G 129 -15.24 4.60 -2.93
CA MET G 129 -14.61 4.33 -1.63
C MET G 129 -13.12 4.16 -1.77
N TYR G 130 -12.38 4.86 -0.91
CA TYR G 130 -10.95 4.70 -0.76
C TYR G 130 -10.69 3.41 0.02
N LEU G 131 -9.78 2.55 -0.46
CA LEU G 131 -9.47 1.33 0.29
C LEU G 131 -8.00 1.32 0.64
N SER G 132 -7.70 0.79 1.81
CA SER G 132 -6.30 0.62 2.19
C SER G 132 -6.10 -0.55 3.13
N LEU G 133 -4.85 -1.01 3.26
CA LEU G 133 -4.41 -1.89 4.38
C LEU G 133 -4.27 -0.93 5.54
N SER H 3 4.94 13.47 -7.59
CA SER H 3 4.16 14.40 -6.74
C SER H 3 4.28 14.01 -5.29
N GLY H 4 4.12 15.04 -4.48
CA GLY H 4 4.24 14.89 -3.06
C GLY H 4 2.94 14.41 -2.46
N ILE H 5 1.97 14.04 -3.29
CA ILE H 5 0.66 13.56 -2.78
C ILE H 5 0.60 12.05 -2.73
N SER H 6 0.33 11.52 -1.57
CA SER H 6 0.29 10.09 -1.47
C SER H 6 -1.01 9.50 -2.05
N GLN H 7 -1.00 8.24 -2.48
CA GLN H 7 -2.08 7.64 -3.30
C GLN H 7 -2.76 6.53 -2.55
N THR H 8 -4.02 6.28 -2.90
CA THR H 8 -4.81 5.23 -2.27
C THR H 8 -5.66 4.52 -3.32
N VAL H 9 -5.90 3.22 -3.15
CA VAL H 9 -6.83 2.49 -4.03
C VAL H 9 -8.23 3.17 -3.90
N ILE H 10 -8.95 3.37 -5.02
CA ILE H 10 -10.35 3.82 -4.99
C ILE H 10 -11.18 2.93 -5.87
N VAL H 11 -12.28 2.42 -5.30
CA VAL H 11 -13.19 1.63 -6.02
C VAL H 11 -14.50 2.38 -6.21
N GLY H 12 -15.12 2.12 -7.36
CA GLY H 12 -16.32 2.85 -7.73
C GLY H 12 -16.11 3.61 -9.04
N PRO H 13 -17.03 4.53 -9.40
CA PRO H 13 -18.21 4.85 -8.63
C PRO H 13 -19.40 3.92 -8.89
N TRP H 14 -20.36 3.98 -8.00
CA TRP H 14 -21.59 3.23 -8.19
C TRP H 14 -22.67 4.28 -8.21
N GLY H 15 -23.58 4.22 -9.19
CA GLY H 15 -24.64 5.23 -9.35
C GLY H 15 -24.70 5.84 -10.73
N ALA H 16 -25.12 7.11 -10.85
CA ALA H 16 -25.14 7.82 -12.12
C ALA H 16 -23.75 8.04 -12.74
N LYS H 17 -23.74 8.22 -14.06
CA LYS H 17 -22.55 8.75 -14.78
C LYS H 17 -22.18 10.21 -14.38
C1 MBG I . 35.02 -2.32 -10.99
C2 MBG I . 34.00 -1.80 -11.92
C3 MBG I . 33.46 -0.49 -11.22
C4 MBG I . 32.80 -0.90 -9.82
C5 MBG I . 33.94 -1.63 -9.04
C6 MBG I . 33.64 -1.97 -7.60
C7 MBG I . 37.41 -3.07 -11.32
O1 MBG I . 35.96 -3.18 -11.78
O2 MBG I . 34.68 -1.51 -13.18
O3 MBG I . 32.38 0.03 -12.04
O4 MBG I . 31.67 -1.70 -10.20
O5 MBG I . 34.33 -2.82 -9.81
O6 MBG I . 32.74 -3.10 -7.67
C1 GAL I . 32.40 1.45 -11.87
C2 GAL I . 31.67 2.21 -13.04
C3 GAL I . 31.65 3.74 -12.73
C4 GAL I . 30.93 3.82 -11.35
C5 GAL I . 31.75 3.05 -10.23
C6 GAL I . 31.09 3.20 -8.85
O2 GAL I . 32.46 1.94 -14.20
O3 GAL I . 30.78 4.41 -13.71
O4 GAL I . 29.57 3.16 -11.59
O5 GAL I . 31.71 1.63 -10.62
O6 GAL I . 32.02 3.82 -7.91
C1 EDO J . -1.00 -17.06 -2.50
O1 EDO J . -0.85 -16.50 -1.21
C2 EDO J . -1.68 -18.40 -2.36
O2 EDO J . -1.19 -19.05 -3.53
C1 EDO K . 34.72 -11.51 10.21
O1 EDO K . 35.98 -10.93 9.87
C2 EDO K . 34.45 -12.75 9.39
O2 EDO K . 33.05 -12.85 9.08
C1 EDO L . 5.43 -5.84 9.65
O1 EDO L . 6.20 -5.15 10.59
C2 EDO L . 6.34 -7.04 9.49
O2 EDO L . 5.54 -8.13 9.97
C1 IPA M . 3.90 -10.95 -4.77
C2 IPA M . 3.63 -9.66 -5.54
C3 IPA M . 3.31 -8.61 -4.51
O2 IPA M . 4.69 -9.29 -6.46
C1 EDO N . -0.61 7.67 16.96
O1 EDO N . -1.23 8.96 16.80
C2 EDO N . -0.32 7.23 15.56
O2 EDO N . -1.55 6.65 15.12
C1 EDO O . 10.51 24.17 15.84
O1 EDO O . 10.76 25.52 16.16
C2 EDO O . 9.06 23.81 16.08
O2 EDO O . 8.82 24.38 17.36
C1 EDO P . 2.63 26.19 -6.68
O1 EDO P . 3.92 26.78 -6.81
C2 EDO P . 2.30 26.26 -5.20
O2 EDO P . 0.90 26.07 -5.15
C1 EDO Q . 20.83 19.20 30.71
O1 EDO Q . 21.41 18.00 31.23
C2 EDO Q . 21.75 19.72 29.61
O2 EDO Q . 21.53 21.13 29.42
C1 EDO R . 2.03 0.47 12.25
O1 EDO R . 1.78 -0.13 13.51
C2 EDO R . 0.81 1.26 11.80
O2 EDO R . 1.21 2.01 10.67
C1 EDO S . -1.32 -14.46 -26.70
O1 EDO S . -0.92 -15.56 -25.89
C2 EDO S . -0.16 -14.03 -27.53
O2 EDO S . -0.75 -13.60 -28.77
C1 EDO T . -8.91 -20.94 -19.72
O1 EDO T . -8.32 -22.21 -19.40
C2 EDO T . -9.92 -21.08 -20.87
O2 EDO T . -9.90 -22.31 -21.63
C1 EDO U . -2.85 -10.51 0.96
O1 EDO U . -3.40 -10.14 2.20
C2 EDO U . -2.01 -11.73 1.31
O2 EDO U . -2.96 -12.71 1.70
C1 EDO V . -30.81 18.86 -9.77
O1 EDO V . -29.78 18.35 -8.91
C2 EDO V . -32.19 18.36 -9.31
O2 EDO V . -33.17 18.99 -10.15
C1 EDO W . -15.78 18.27 1.45
O1 EDO W . -15.10 17.70 2.55
C2 EDO W . -15.71 17.12 0.47
O2 EDO W . -15.33 17.73 -0.75
C1 EDO X . -3.64 8.83 6.48
O1 EDO X . -3.88 8.64 7.88
C2 EDO X . -4.49 9.99 5.99
O2 EDO X . -4.44 9.88 4.57
C1 EDO Y . -18.42 9.86 -12.13
O1 EDO Y . -19.71 9.27 -11.92
C2 EDO Y . -18.58 11.01 -13.11
O2 EDO Y . -17.64 12.01 -12.73
#